data_6UUF
#
_entry.id   6UUF
#
_cell.length_a   34.198
_cell.length_b   118.738
_cell.length_c   36.432
_cell.angle_alpha   90.000
_cell.angle_beta   92.320
_cell.angle_gamma   90.000
#
_symmetry.space_group_name_H-M   'P 1 21 1'
#
loop_
_entity.id
_entity.type
_entity.pdbx_description
1 polymer 'Nudix Hydrolase, RenU'
2 water water
#
_entity_poly.entity_id   1
_entity_poly.type   'polypeptide(L)'
_entity_poly.pdbx_seq_one_letter_code
;MRGDGDGWVMSENGARFWGRHGAAGLLLRAPMPGGAAAVLLQHRAPWSHQGGTWALPGGARDSHETPEQAAVRAAHAAAG
LPAEQLTVRTTVVTAEVAGIGGTQWTYTTVIADAAEPLHTVPNRESAELRWVLEDQVADLPLHPGFAASWQRLREVTATI
PLLNRQR
;
_entity_poly.pdbx_strand_id   A,B
#
# COMPACT_ATOMS: atom_id res chain seq x y z
N GLY A 5 6.27 5.76 8.82
CA GLY A 5 7.20 6.90 9.18
C GLY A 5 6.62 8.26 8.92
N ASP A 6 5.31 8.33 9.17
CA ASP A 6 4.31 9.21 8.52
C ASP A 6 4.71 10.63 8.07
N GLY A 7 5.55 10.73 7.05
CA GLY A 7 5.78 12.02 6.41
C GLY A 7 6.88 12.05 5.40
N TRP A 8 7.06 13.20 4.80
CA TRP A 8 7.94 13.36 3.67
C TRP A 8 9.24 13.91 4.15
N VAL A 9 10.30 13.50 3.47
CA VAL A 9 11.55 14.26 3.48
C VAL A 9 11.76 14.83 2.08
N MET A 10 12.06 16.12 2.00
CA MET A 10 12.39 16.76 0.72
C MET A 10 13.91 16.82 0.48
N SER A 11 14.38 16.31 -0.63
CA SER A 11 15.82 16.38 -0.95
C SER A 11 16.30 17.77 -1.30
N GLU A 12 17.63 17.92 -1.24
CA GLU A 12 18.32 19.04 -1.85
C GLU A 12 17.95 19.24 -3.32
N ASN A 13 17.92 18.19 -4.12
CA ASN A 13 17.51 18.32 -5.54
C ASN A 13 15.98 18.43 -5.78
N GLY A 14 15.20 18.57 -4.70
CA GLY A 14 13.76 18.86 -4.76
C GLY A 14 12.85 17.71 -5.13
N ALA A 15 13.17 16.48 -4.74
CA ALA A 15 12.20 15.37 -4.79
C ALA A 15 11.85 14.93 -3.37
N ARG A 16 10.61 14.49 -3.18
CA ARG A 16 10.18 14.09 -1.84
C ARG A 16 10.38 12.61 -1.72
N PHE A 17 10.68 12.15 -0.49
CA PHE A 17 10.87 10.75 -0.13
C PHE A 17 9.97 10.44 1.03
N TRP A 18 9.30 9.31 1.00
CA TRP A 18 8.44 8.93 2.07
C TRP A 18 9.17 8.32 3.28
N GLY A 19 8.86 8.84 4.46
CA GLY A 19 9.30 8.23 5.70
C GLY A 19 10.44 9.00 6.34
N ARG A 20 10.09 9.72 7.38
CA ARG A 20 11.05 10.54 8.08
C ARG A 20 12.30 9.83 8.57
N HIS A 21 12.18 8.59 8.93
CA HIS A 21 13.31 7.79 9.43
C HIS A 21 13.88 6.87 8.35
N GLY A 22 13.54 7.14 7.09
CA GLY A 22 13.97 6.30 6.01
C GLY A 22 13.20 5.00 5.96
N ALA A 23 13.69 4.14 5.10
CA ALA A 23 13.05 2.87 4.86
C ALA A 23 14.12 1.78 4.94
N ALA A 24 13.62 0.55 5.03
CA ALA A 24 14.47 -0.63 5.14
C ALA A 24 13.85 -1.79 4.38
N GLY A 25 14.69 -2.61 3.77
CA GLY A 25 14.21 -3.82 3.08
C GLY A 25 15.01 -5.04 3.46
N LEU A 26 14.35 -6.22 3.40
CA LEU A 26 14.97 -7.48 3.70
C LEU A 26 15.48 -8.18 2.47
N LEU A 27 16.79 -8.42 2.44
CA LEU A 27 17.42 -9.32 1.47
C LEU A 27 17.62 -10.65 2.15
N LEU A 28 16.63 -11.51 2.01
CA LEU A 28 16.61 -12.81 2.65
C LEU A 28 17.21 -13.87 1.71
N ARG A 29 18.24 -14.58 2.18
CA ARG A 29 18.95 -15.60 1.40
C ARG A 29 18.58 -16.98 1.87
N ALA A 30 18.48 -17.91 0.91
CA ALA A 30 18.29 -19.34 1.23
C ALA A 30 19.07 -20.27 0.31
N PRO A 31 19.59 -21.37 0.87
CA PRO A 31 20.32 -22.32 0.04
C PRO A 31 19.34 -23.14 -0.77
N MET A 32 19.71 -23.46 -1.99
CA MET A 32 18.90 -24.40 -2.78
C MET A 32 19.37 -25.85 -2.52
N PRO A 33 18.50 -26.86 -2.76
CA PRO A 33 19.07 -28.23 -2.65
C PRO A 33 20.35 -28.37 -3.50
N GLY A 34 20.35 -27.78 -4.69
CA GLY A 34 21.56 -27.56 -5.50
C GLY A 34 22.76 -27.06 -4.72
N GLY A 35 22.50 -26.18 -3.76
CA GLY A 35 23.52 -25.71 -2.82
C GLY A 35 23.78 -24.24 -3.02
N ALA A 36 23.44 -23.72 -4.20
CA ALA A 36 23.57 -22.28 -4.48
C ALA A 36 22.54 -21.44 -3.71
N ALA A 37 22.83 -20.16 -3.64
CA ALA A 37 22.01 -19.25 -2.89
C ALA A 37 20.85 -18.64 -3.71
N ALA A 38 19.63 -18.67 -3.16
CA ALA A 38 18.54 -17.85 -3.69
C ALA A 38 18.18 -16.67 -2.79
N VAL A 39 17.58 -15.63 -3.38
CA VAL A 39 17.04 -14.52 -2.61
C VAL A 39 15.54 -14.33 -2.89
N LEU A 40 14.83 -13.81 -1.90
CA LEU A 40 13.39 -13.72 -2.00
C LEU A 40 13.07 -12.36 -2.54
N LEU A 41 12.43 -12.28 -3.71
CA LEU A 41 12.07 -10.97 -4.22
C LEU A 41 10.57 -10.82 -4.34
N GLN A 42 10.19 -9.56 -4.31
CA GLN A 42 8.82 -9.14 -4.40
C GLN A 42 8.58 -8.43 -5.74
N HIS A 43 7.57 -8.91 -6.46
CA HIS A 43 7.10 -8.28 -7.69
C HIS A 43 6.06 -7.23 -7.31
N ARG A 44 6.29 -5.99 -7.70
CA ARG A 44 5.50 -4.91 -7.14
C ARG A 44 4.21 -4.82 -7.97
N ALA A 45 3.06 -4.86 -7.29
CA ALA A 45 1.75 -4.69 -7.97
C ALA A 45 1.72 -3.33 -8.68
N PRO A 46 1.33 -3.24 -9.98
CA PRO A 46 1.15 -1.95 -10.73
C PRO A 46 0.58 -0.72 -9.98
N TRP A 47 -0.42 -0.94 -9.10
CA TRP A 47 -0.95 0.14 -8.26
C TRP A 47 0.00 0.70 -7.19
N SER A 48 1.09 -0.02 -6.85
CA SER A 48 2.09 0.45 -5.87
C SER A 48 3.27 1.15 -6.55
N HIS A 49 4.10 1.78 -5.70
CA HIS A 49 5.32 2.52 -6.13
C HIS A 49 6.25 1.62 -6.95
N GLN A 50 6.41 1.98 -8.21
CA GLN A 50 7.24 1.25 -9.15
C GLN A 50 6.68 -0.17 -9.38
N GLY A 51 5.35 -0.26 -9.51
CA GLY A 51 4.66 -1.51 -9.86
C GLY A 51 5.09 -2.04 -11.23
N GLY A 52 5.23 -3.36 -11.34
CA GLY A 52 5.83 -4.01 -12.52
C GLY A 52 7.30 -4.39 -12.36
N THR A 53 7.96 -3.93 -11.30
CA THR A 53 9.37 -4.27 -11.10
C THR A 53 9.54 -5.11 -9.86
N TRP A 54 10.75 -5.64 -9.71
CA TRP A 54 11.12 -6.52 -8.60
C TRP A 54 12.02 -5.77 -7.62
N ALA A 55 11.79 -5.98 -6.34
CA ALA A 55 12.65 -5.33 -5.30
C ALA A 55 12.53 -6.14 -4.04
N LEU A 56 13.05 -5.62 -2.93
CA LEU A 56 13.00 -6.35 -1.67
C LEU A 56 11.72 -5.97 -0.98
N PRO A 57 11.11 -6.90 -0.21
CA PRO A 57 10.02 -6.49 0.67
C PRO A 57 10.59 -5.55 1.71
N GLY A 58 9.94 -4.42 1.89
CA GLY A 58 10.47 -3.40 2.79
C GLY A 58 9.38 -2.41 3.16
N GLY A 59 9.70 -1.47 4.02
CA GLY A 59 8.80 -0.36 4.18
C GLY A 59 9.48 0.69 5.00
N ALA A 60 8.68 1.63 5.47
CA ALA A 60 9.18 2.76 6.25
C ALA A 60 9.55 2.38 7.66
N ARG A 61 10.65 2.96 8.11
CA ARG A 61 11.13 2.71 9.45
C ARG A 61 10.36 3.57 10.43
N ASP A 62 9.90 2.94 11.51
CA ASP A 62 9.20 3.64 12.56
C ASP A 62 10.20 4.22 13.60
N SER A 63 9.73 5.23 14.34
CA SER A 63 10.52 5.99 15.31
C SER A 63 11.25 5.21 16.38
N HIS A 64 10.76 4.04 16.74
CA HIS A 64 11.33 3.30 17.83
C HIS A 64 12.09 2.04 17.35
N GLU A 65 12.19 1.87 16.03
CA GLU A 65 12.67 0.64 15.41
C GLU A 65 14.06 0.78 14.90
N THR A 66 14.77 -0.32 14.92
CA THR A 66 16.03 -0.41 14.22
C THR A 66 15.69 -0.72 12.78
N PRO A 67 16.62 -0.40 11.84
CA PRO A 67 16.46 -0.86 10.47
C PRO A 67 16.15 -2.37 10.39
N GLU A 68 16.82 -3.20 11.19
CA GLU A 68 16.55 -4.64 11.24
C GLU A 68 15.10 -5.02 11.61
N GLN A 69 14.58 -4.36 12.62
CA GLN A 69 13.22 -4.60 13.01
C GLN A 69 12.29 -4.18 11.93
N ALA A 70 12.57 -3.05 11.27
CA ALA A 70 11.63 -2.55 10.28
C ALA A 70 11.54 -3.53 9.12
N ALA A 71 12.67 -4.05 8.66
CA ALA A 71 12.72 -4.93 7.50
C ALA A 71 12.08 -6.31 7.79
N VAL A 72 12.27 -6.80 8.98
CA VAL A 72 11.68 -8.06 9.39
C VAL A 72 10.17 -7.88 9.50
N ARG A 73 9.72 -6.78 10.09
CA ARG A 73 8.26 -6.48 10.20
C ARG A 73 7.62 -6.35 8.81
N ALA A 74 8.29 -5.64 7.89
CA ALA A 74 7.85 -5.50 6.53
C ALA A 74 7.74 -6.84 5.83
N ALA A 75 8.74 -7.70 6.00
CA ALA A 75 8.70 -9.04 5.41
C ALA A 75 7.55 -9.93 5.95
N HIS A 76 7.24 -9.80 7.24
CA HIS A 76 6.08 -10.47 7.79
C HIS A 76 4.81 -9.96 7.14
N ALA A 77 4.67 -8.65 7.02
CA ALA A 77 3.45 -8.05 6.41
C ALA A 77 3.19 -8.43 4.95
N ALA A 78 4.27 -8.49 4.17
CA ALA A 78 4.20 -8.78 2.75
C ALA A 78 4.16 -10.25 2.41
N ALA A 79 4.76 -11.10 3.23
CA ALA A 79 4.97 -12.49 2.88
C ALA A 79 4.59 -13.52 3.95
N GLY A 80 4.18 -13.06 5.14
CA GLY A 80 3.82 -13.96 6.23
C GLY A 80 4.99 -14.68 6.86
N LEU A 81 6.21 -14.20 6.65
CA LEU A 81 7.38 -14.89 7.16
C LEU A 81 7.47 -14.71 8.67
N PRO A 82 7.64 -15.80 9.45
CA PRO A 82 7.87 -15.58 10.87
C PRO A 82 9.32 -15.23 11.13
N ALA A 83 9.51 -14.22 11.98
CA ALA A 83 10.83 -13.82 12.43
C ALA A 83 11.67 -14.99 12.96
N GLU A 84 11.04 -15.96 13.62
CA GLU A 84 11.81 -17.07 14.21
C GLU A 84 12.45 -17.97 13.15
N GLN A 85 11.91 -17.96 11.93
CA GLN A 85 12.50 -18.71 10.82
C GLN A 85 13.59 -17.98 10.05
N LEU A 86 14.06 -16.84 10.53
CA LEU A 86 15.15 -16.18 9.83
C LEU A 86 16.21 -15.66 10.78
N THR A 87 17.37 -15.32 10.23
CA THR A 87 18.50 -14.85 11.03
C THR A 87 19.13 -13.64 10.38
N VAL A 88 19.09 -12.49 11.08
CA VAL A 88 19.58 -11.25 10.50
C VAL A 88 21.09 -11.28 10.57
N ARG A 89 21.75 -10.94 9.46
CA ARG A 89 23.22 -10.99 9.37
C ARG A 89 23.82 -9.60 9.52
N THR A 90 23.51 -8.69 8.62
CA THR A 90 24.04 -7.33 8.76
C THR A 90 23.11 -6.33 8.03
N THR A 91 23.47 -5.04 8.09
CA THR A 91 22.75 -3.99 7.39
C THR A 91 23.74 -3.27 6.48
N VAL A 92 23.29 -2.88 5.30
CA VAL A 92 24.04 -2.02 4.35
C VAL A 92 23.18 -0.80 3.92
N VAL A 93 23.71 0.39 4.11
CA VAL A 93 23.05 1.59 3.66
C VAL A 93 23.26 1.62 2.14
N THR A 94 22.18 1.39 1.40
CA THR A 94 22.18 1.30 -0.07
C THR A 94 21.69 2.57 -0.75
N ALA A 95 21.23 3.55 0.00
CA ALA A 95 20.85 4.85 -0.54
C ALA A 95 20.80 5.90 0.57
N GLU A 96 21.30 7.08 0.26
CA GLU A 96 21.51 8.15 1.20
C GLU A 96 21.26 9.48 0.49
N VAL A 97 20.34 10.27 1.03
CA VAL A 97 19.94 11.50 0.35
C VAL A 97 20.03 12.62 1.33
N ALA A 98 20.76 13.67 0.92
CA ALA A 98 20.79 14.93 1.62
C ALA A 98 19.40 15.57 1.49
N GLY A 99 18.68 15.68 2.61
CA GLY A 99 17.41 16.39 2.69
C GLY A 99 17.61 17.89 2.98
N ILE A 100 16.54 18.67 2.79
CA ILE A 100 16.57 20.11 3.08
C ILE A 100 16.52 20.31 4.57
N GLY A 101 17.36 21.21 5.07
CA GLY A 101 17.35 21.62 6.47
C GLY A 101 18.00 20.60 7.38
N GLY A 102 19.18 20.15 6.97
CA GLY A 102 19.96 19.19 7.73
C GLY A 102 19.52 17.74 7.60
N THR A 103 18.25 17.50 7.26
CA THR A 103 17.65 16.17 7.40
C THR A 103 18.12 15.18 6.33
N GLN A 104 17.85 13.92 6.59
CA GLN A 104 18.38 12.83 5.79
C GLN A 104 17.33 11.79 5.49
N TRP A 105 17.54 11.11 4.38
CA TRP A 105 16.74 9.96 4.07
C TRP A 105 17.69 8.85 3.67
N THR A 106 17.44 7.66 4.19
CA THR A 106 18.22 6.52 3.74
C THR A 106 17.33 5.32 3.50
N TYR A 107 17.88 4.42 2.71
CA TYR A 107 17.36 3.09 2.55
C TYR A 107 18.44 2.14 3.04
N THR A 108 18.04 1.22 3.90
CA THR A 108 18.91 0.26 4.51
C THR A 108 18.47 -1.14 4.12
N THR A 109 19.40 -1.86 3.49
CA THR A 109 19.21 -3.26 3.15
C THR A 109 19.67 -4.11 4.31
N VAL A 110 18.79 -4.99 4.75
CA VAL A 110 19.07 -5.85 5.86
C VAL A 110 19.20 -7.24 5.25
N ILE A 111 20.42 -7.77 5.30
CA ILE A 111 20.72 -9.11 4.80
C ILE A 111 20.37 -10.16 5.87
N ALA A 112 19.63 -11.18 5.50
CA ALA A 112 19.30 -12.23 6.45
C ALA A 112 19.31 -13.57 5.75
N ASP A 113 19.44 -14.64 6.55
CA ASP A 113 19.43 -16.03 6.08
C ASP A 113 18.25 -16.87 6.64
N ALA A 114 17.74 -17.74 5.80
CA ALA A 114 16.85 -18.83 6.23
C ALA A 114 17.53 -20.18 5.91
N ALA A 115 17.07 -21.22 6.60
CA ALA A 115 17.63 -22.57 6.43
C ALA A 115 17.29 -23.20 5.07
N GLU A 116 16.20 -22.75 4.43
CA GLU A 116 15.72 -23.33 3.18
C GLU A 116 14.78 -22.29 2.55
N PRO A 117 14.39 -22.50 1.29
CA PRO A 117 13.43 -21.54 0.75
C PRO A 117 12.08 -21.70 1.46
N LEU A 118 11.60 -20.61 2.07
CA LEU A 118 10.36 -20.61 2.86
C LEU A 118 9.11 -20.43 1.99
N HIS A 119 8.02 -21.06 2.45
CA HIS A 119 6.66 -20.81 1.92
C HIS A 119 6.20 -19.43 2.38
N THR A 120 5.59 -18.69 1.46
CA THR A 120 5.18 -17.32 1.69
C THR A 120 3.66 -17.29 1.50
N VAL A 121 2.99 -16.39 2.21
CA VAL A 121 1.61 -16.04 1.93
C VAL A 121 1.60 -14.58 1.46
N PRO A 122 1.34 -14.33 0.15
CA PRO A 122 1.39 -12.93 -0.32
C PRO A 122 0.23 -12.09 0.25
N ASN A 123 0.54 -10.83 0.50
CA ASN A 123 -0.42 -9.86 0.99
C ASN A 123 0.10 -8.47 0.60
N ARG A 124 -0.68 -7.40 0.86
CA ARG A 124 -0.24 -6.04 0.58
C ARG A 124 0.08 -5.86 -0.93
N GLU A 125 1.26 -5.34 -1.29
CA GLU A 125 1.63 -5.11 -2.71
C GLU A 125 2.33 -6.33 -3.37
N SER A 126 2.33 -7.48 -2.67
CA SER A 126 2.93 -8.70 -3.18
C SER A 126 2.02 -9.27 -4.24
N ALA A 127 2.36 -8.91 -5.49
CA ALA A 127 1.72 -9.46 -6.67
C ALA A 127 2.25 -10.89 -6.81
N GLU A 128 3.55 -11.02 -6.61
CA GLU A 128 4.19 -12.31 -6.44
C GLU A 128 5.43 -12.11 -5.52
N LEU A 129 5.76 -13.18 -4.84
CA LEU A 129 7.06 -13.35 -4.22
C LEU A 129 7.69 -14.57 -4.86
N ARG A 130 8.99 -14.45 -5.13
CA ARG A 130 9.69 -15.50 -5.80
C ARG A 130 11.14 -15.61 -5.31
N TRP A 131 11.53 -16.85 -5.04
CA TRP A 131 12.88 -17.17 -4.74
C TRP A 131 13.63 -17.15 -6.04
N VAL A 132 14.72 -16.40 -6.10
CA VAL A 132 15.46 -16.19 -7.37
C VAL A 132 16.93 -16.47 -7.12
N LEU A 133 17.54 -17.33 -7.90
CA LEU A 133 18.98 -17.56 -7.76
C LEU A 133 19.72 -16.22 -7.83
N GLU A 134 20.65 -16.00 -6.90
CA GLU A 134 21.46 -14.79 -6.86
C GLU A 134 22.05 -14.36 -8.20
N ASP A 135 22.59 -15.32 -8.95
CA ASP A 135 23.13 -15.06 -10.31
C ASP A 135 22.07 -14.63 -11.32
N GLN A 136 20.80 -14.93 -11.03
CA GLN A 136 19.71 -14.57 -11.96
C GLN A 136 18.90 -13.36 -11.57
N VAL A 137 19.18 -12.77 -10.40
CA VAL A 137 18.45 -11.57 -9.95
C VAL A 137 18.50 -10.44 -10.99
N ALA A 138 19.69 -10.14 -11.51
CA ALA A 138 19.88 -9.04 -12.48
C ALA A 138 19.26 -9.26 -13.84
N ASP A 139 18.83 -10.48 -14.12
CA ASP A 139 18.04 -10.74 -15.34
C ASP A 139 16.67 -10.13 -15.29
N LEU A 140 16.13 -9.89 -14.09
CA LEU A 140 14.77 -9.40 -13.94
C LEU A 140 14.68 -7.90 -14.10
N PRO A 141 13.48 -7.38 -14.43
CA PRO A 141 13.22 -5.95 -14.43
C PRO A 141 13.17 -5.45 -12.99
N LEU A 142 14.26 -4.84 -12.55
CA LEU A 142 14.42 -4.50 -11.15
C LEU A 142 13.95 -3.08 -10.89
N HIS A 143 13.46 -2.86 -9.67
CA HIS A 143 13.24 -1.50 -9.18
C HIS A 143 14.57 -0.71 -9.41
N PRO A 144 14.51 0.47 -10.05
CA PRO A 144 15.78 1.13 -10.43
C PRO A 144 16.71 1.49 -9.28
N GLY A 145 16.16 1.77 -8.10
CA GLY A 145 16.92 1.92 -6.83
C GLY A 145 17.64 0.67 -6.38
N PHE A 146 16.93 -0.43 -6.37
CA PHE A 146 17.51 -1.72 -6.11
C PHE A 146 18.59 -2.10 -7.14
N ALA A 147 18.28 -1.96 -8.41
CA ALA A 147 19.24 -2.34 -9.45
C ALA A 147 20.55 -1.55 -9.34
N ALA A 148 20.45 -0.30 -8.90
CA ALA A 148 21.60 0.56 -8.73
C ALA A 148 22.50 0.04 -7.63
N SER A 149 21.90 -0.65 -6.66
CA SER A 149 22.60 -1.22 -5.52
C SER A 149 22.99 -2.65 -5.64
N TRP A 150 22.38 -3.39 -6.58
CA TRP A 150 22.49 -4.83 -6.57
C TRP A 150 23.92 -5.34 -6.63
N GLN A 151 24.76 -4.78 -7.51
CA GLN A 151 26.12 -5.33 -7.64
C GLN A 151 26.87 -5.17 -6.34
N ARG A 152 26.71 -3.98 -5.72
CA ARG A 152 27.32 -3.72 -4.44
C ARG A 152 26.83 -4.71 -3.36
N LEU A 153 25.51 -4.96 -3.27
CA LEU A 153 24.99 -5.99 -2.37
C LEU A 153 25.57 -7.36 -2.61
N ARG A 154 25.78 -7.72 -3.88
CA ARG A 154 26.42 -9.01 -4.17
C ARG A 154 27.83 -9.11 -3.61
N GLU A 155 28.59 -8.02 -3.75
CA GLU A 155 29.97 -8.00 -3.22
C GLU A 155 29.92 -8.21 -1.69
N VAL A 156 29.01 -7.52 -1.05
CA VAL A 156 28.78 -7.73 0.36
C VAL A 156 28.29 -9.13 0.68
N THR A 157 27.31 -9.64 -0.03
CA THR A 157 26.82 -10.97 0.35
C THR A 157 27.93 -12.02 0.23
N ALA A 158 28.84 -11.84 -0.73
CA ALA A 158 29.88 -12.82 -0.99
C ALA A 158 30.89 -12.85 0.13
N THR A 159 30.96 -11.79 0.95
CA THR A 159 31.82 -11.82 2.12
C THR A 159 31.13 -12.35 3.38
N ILE A 160 29.87 -12.78 3.34
CA ILE A 160 29.26 -13.50 4.45
C ILE A 160 28.52 -14.69 3.93
N PRO A 161 29.16 -15.88 3.90
CA PRO A 161 28.41 -17.08 3.47
C PRO A 161 27.29 -17.47 4.43
N LEU A 162 26.31 -18.19 3.89
CA LEU A 162 25.16 -18.58 4.68
C LEU A 162 25.63 -19.45 5.82
N LEU A 163 24.84 -19.42 6.89
CA LEU A 163 25.10 -20.20 8.10
C LEU A 163 24.76 -21.66 7.93
N ASN A 164 25.15 -22.45 8.92
CA ASN A 164 24.54 -23.77 9.16
C ASN A 164 24.49 -24.07 10.67
N ARG A 165 23.91 -25.22 10.99
CA ARG A 165 23.94 -25.82 12.34
C ARG A 165 23.43 -24.90 13.47
N GLY B 7 -16.65 7.15 18.47
CA GLY B 7 -18.01 6.87 18.97
C GLY B 7 -18.93 6.31 17.92
N TRP B 8 -19.84 5.45 18.38
CA TRP B 8 -20.83 4.84 17.52
C TRP B 8 -22.02 5.75 17.48
N VAL B 9 -22.71 5.80 16.35
CA VAL B 9 -24.03 6.38 16.27
C VAL B 9 -24.97 5.18 16.21
N MET B 10 -25.93 5.15 17.12
CA MET B 10 -26.96 4.13 17.12
C MET B 10 -28.11 4.64 16.27
N SER B 11 -28.54 3.83 15.31
CA SER B 11 -29.67 4.19 14.45
C SER B 11 -30.97 3.98 15.22
N GLU B 12 -32.07 4.49 14.69
CA GLU B 12 -33.36 4.36 15.33
C GLU B 12 -33.79 2.91 15.59
N ASN B 13 -33.31 1.96 14.79
CA ASN B 13 -33.59 0.54 15.04
C ASN B 13 -32.57 -0.22 15.89
N GLY B 14 -31.49 0.42 16.27
CA GLY B 14 -30.47 -0.26 17.03
C GLY B 14 -29.26 -0.67 16.24
N ALA B 15 -29.14 -0.29 14.96
CA ALA B 15 -27.86 -0.55 14.25
C ALA B 15 -26.77 0.42 14.75
N ARG B 16 -25.51 0.08 14.55
CA ARG B 16 -24.37 0.88 15.01
C ARG B 16 -23.48 1.27 13.81
N PHE B 17 -23.16 2.53 13.67
CA PHE B 17 -22.36 3.03 12.55
C PHE B 17 -21.25 3.85 13.13
N TRP B 18 -20.04 3.59 12.64
CA TRP B 18 -18.87 4.15 13.28
C TRP B 18 -18.66 5.61 12.81
N GLY B 19 -18.43 6.48 13.78
CA GLY B 19 -18.11 7.89 13.55
C GLY B 19 -19.26 8.83 13.86
N ARG B 20 -19.10 9.68 14.87
CA ARG B 20 -20.20 10.58 15.29
C ARG B 20 -20.54 11.61 14.20
N HIS B 21 -19.54 11.95 13.39
CA HIS B 21 -19.67 12.90 12.33
C HIS B 21 -19.90 12.22 10.97
N GLY B 22 -20.24 10.93 10.97
CA GLY B 22 -20.39 10.17 9.74
C GLY B 22 -19.03 9.83 9.13
N ALA B 23 -19.09 9.36 7.89
CA ALA B 23 -17.94 8.77 7.27
C ALA B 23 -17.81 9.31 5.86
N ALA B 24 -16.64 9.14 5.27
CA ALA B 24 -16.40 9.46 3.86
C ALA B 24 -15.45 8.46 3.21
N GLY B 25 -15.70 8.15 1.93
CA GLY B 25 -14.93 7.18 1.15
C GLY B 25 -14.47 7.87 -0.13
N LEU B 26 -13.27 7.53 -0.61
CA LEU B 26 -12.78 8.00 -1.89
C LEU B 26 -13.16 7.04 -3.02
N LEU B 27 -13.81 7.54 -4.04
CA LEU B 27 -13.96 6.85 -5.32
C LEU B 27 -12.96 7.55 -6.31
N LEU B 28 -11.83 6.90 -6.50
CA LEU B 28 -10.76 7.39 -7.35
C LEU B 28 -10.84 6.72 -8.69
N ARG B 29 -10.83 7.51 -9.74
CA ARG B 29 -10.95 7.01 -11.08
C ARG B 29 -9.69 7.27 -11.85
N ALA B 30 -9.40 6.35 -12.77
CA ALA B 30 -8.32 6.50 -13.72
C ALA B 30 -8.80 6.13 -15.14
N PRO B 31 -8.18 6.77 -16.15
CA PRO B 31 -8.51 6.50 -17.54
C PRO B 31 -8.03 5.13 -17.99
N MET B 32 -8.79 4.52 -18.89
CA MET B 32 -8.50 3.22 -19.46
C MET B 32 -8.79 3.30 -20.97
N PRO B 33 -8.24 2.34 -21.77
CA PRO B 33 -8.48 2.32 -23.23
C PRO B 33 -9.93 2.16 -23.60
N GLY B 34 -10.28 2.67 -24.77
CA GLY B 34 -11.66 2.66 -25.25
C GLY B 34 -12.53 3.70 -24.58
N GLY B 35 -11.92 4.72 -23.95
CA GLY B 35 -12.69 5.72 -23.20
C GLY B 35 -13.32 5.24 -21.88
N ALA B 36 -12.81 4.14 -21.32
CA ALA B 36 -13.42 3.56 -20.13
C ALA B 36 -12.70 4.14 -18.94
N ALA B 37 -13.17 3.77 -17.75
CA ALA B 37 -12.51 4.16 -16.53
C ALA B 37 -12.51 3.02 -15.53
N ALA B 38 -11.46 3.03 -14.70
CA ALA B 38 -11.35 2.12 -13.59
C ALA B 38 -11.41 2.89 -12.31
N VAL B 39 -11.84 2.18 -11.27
CA VAL B 39 -11.91 2.71 -9.97
C VAL B 39 -11.08 1.88 -9.00
N LEU B 40 -10.60 2.52 -7.96
CA LEU B 40 -9.70 1.86 -7.05
C LEU B 40 -10.47 1.33 -5.85
N LEU B 41 -10.56 0.01 -5.71
CA LEU B 41 -11.30 -0.60 -4.60
C LEU B 41 -10.36 -1.20 -3.59
N GLN B 42 -10.85 -1.38 -2.36
CA GLN B 42 -10.01 -1.88 -1.27
C GLN B 42 -10.66 -3.12 -0.71
N HIS B 43 -9.86 -4.15 -0.48
CA HIS B 43 -10.34 -5.45 -0.05
C HIS B 43 -10.43 -5.46 1.48
N ARG B 44 -11.56 -5.94 2.01
CA ARG B 44 -11.70 -5.99 3.45
C ARG B 44 -10.98 -7.19 4.04
N ALA B 45 -10.32 -6.98 5.17
CA ALA B 45 -9.60 -8.03 5.86
C ALA B 45 -10.54 -9.25 6.14
N PRO B 46 -10.06 -10.48 5.83
CA PRO B 46 -10.83 -11.73 5.89
C PRO B 46 -11.71 -11.97 7.13
N TRP B 47 -11.18 -11.65 8.31
CA TRP B 47 -11.95 -11.89 9.56
C TRP B 47 -12.96 -10.80 9.92
N SER B 48 -12.84 -9.65 9.25
CA SER B 48 -13.70 -8.55 9.54
C SER B 48 -15.12 -8.99 9.15
N HIS B 49 -16.11 -8.27 9.63
CA HIS B 49 -17.46 -8.51 9.20
C HIS B 49 -17.53 -8.15 7.73
N GLN B 50 -18.19 -8.98 6.92
CA GLN B 50 -18.14 -8.73 5.49
C GLN B 50 -16.68 -8.72 4.94
N GLY B 51 -15.82 -9.50 5.59
CA GLY B 51 -14.41 -9.64 5.21
C GLY B 51 -14.34 -10.32 3.87
N GLY B 52 -13.27 -10.00 3.14
CA GLY B 52 -13.14 -10.36 1.75
C GLY B 52 -14.18 -9.82 0.77
N THR B 53 -14.87 -8.72 1.09
CA THR B 53 -15.66 -8.00 0.10
C THR B 53 -14.90 -6.74 -0.18
N TRP B 54 -15.39 -6.03 -1.17
CA TRP B 54 -14.71 -4.83 -1.68
C TRP B 54 -15.53 -3.58 -1.41
N ALA B 55 -14.84 -2.51 -1.07
CA ALA B 55 -15.50 -1.24 -0.84
C ALA B 55 -14.49 -0.13 -1.12
N LEU B 56 -14.86 1.10 -0.82
CA LEU B 56 -13.99 2.24 -1.02
C LEU B 56 -13.06 2.45 0.13
N PRO B 57 -11.85 2.98 -0.15
CA PRO B 57 -11.04 3.41 0.94
C PRO B 57 -11.74 4.58 1.64
N GLY B 58 -11.83 4.51 2.97
CA GLY B 58 -12.66 5.43 3.74
C GLY B 58 -12.45 5.36 5.24
N GLY B 59 -13.12 6.26 5.95
CA GLY B 59 -13.06 6.26 7.37
C GLY B 59 -13.99 7.28 7.95
N ALA B 60 -14.03 7.26 9.28
CA ALA B 60 -14.80 8.23 10.02
C ALA B 60 -14.28 9.64 9.77
N ARG B 61 -15.20 10.58 9.66
CA ARG B 61 -14.89 11.98 9.51
C ARG B 61 -14.53 12.61 10.88
N ASP B 62 -13.44 13.37 10.96
CA ASP B 62 -13.15 14.11 12.19
C ASP B 62 -13.98 15.41 12.33
N SER B 63 -14.04 15.93 13.56
CA SER B 63 -14.85 17.08 13.92
C SER B 63 -14.55 18.39 13.15
N HIS B 64 -13.30 18.60 12.81
CA HIS B 64 -12.87 19.81 12.03
C HIS B 64 -12.86 19.60 10.51
N GLU B 65 -13.12 18.36 10.04
CA GLU B 65 -12.89 17.99 8.63
C GLU B 65 -14.10 18.17 7.71
N THR B 66 -13.84 18.59 6.47
CA THR B 66 -14.83 18.43 5.40
C THR B 66 -14.88 16.95 4.98
N PRO B 67 -15.92 16.53 4.26
CA PRO B 67 -15.94 15.16 3.66
C PRO B 67 -14.71 14.83 2.80
N GLU B 68 -14.30 15.81 1.99
CA GLU B 68 -13.10 15.70 1.13
C GLU B 68 -11.86 15.48 1.92
N GLN B 69 -11.69 16.26 2.98
CA GLN B 69 -10.50 16.05 3.82
C GLN B 69 -10.49 14.65 4.48
N ALA B 70 -11.65 14.18 4.97
CA ALA B 70 -11.73 12.87 5.62
C ALA B 70 -11.40 11.76 4.61
N ALA B 71 -12.04 11.80 3.44
CA ALA B 71 -11.82 10.73 2.47
C ALA B 71 -10.34 10.67 2.00
N VAL B 72 -9.71 11.82 1.77
CA VAL B 72 -8.30 11.83 1.32
C VAL B 72 -7.37 11.33 2.43
N ARG B 73 -7.56 11.84 3.65
CA ARG B 73 -6.82 11.33 4.84
C ARG B 73 -7.01 9.81 5.05
N ALA B 74 -8.25 9.33 5.02
CA ALA B 74 -8.50 7.90 5.23
C ALA B 74 -7.93 7.06 4.10
N ALA B 75 -7.98 7.56 2.87
CA ALA B 75 -7.44 6.79 1.77
C ALA B 75 -5.96 6.67 1.92
N HIS B 76 -5.34 7.79 2.29
CA HIS B 76 -3.91 7.77 2.58
C HIS B 76 -3.56 6.88 3.75
N ALA B 77 -4.29 6.99 4.85
CA ALA B 77 -4.03 6.14 6.04
C ALA B 77 -4.35 4.65 5.80
N ALA B 78 -5.48 4.41 5.16
CA ALA B 78 -5.95 3.06 4.97
C ALA B 78 -5.16 2.41 3.84
N ALA B 79 -4.72 3.18 2.84
CA ALA B 79 -4.20 2.53 1.64
C ALA B 79 -2.95 3.14 0.98
N GLY B 80 -2.23 4.00 1.70
CA GLY B 80 -1.01 4.58 1.18
C GLY B 80 -1.14 5.49 -0.03
N LEU B 81 -2.35 5.95 -0.35
CA LEU B 81 -2.53 6.79 -1.54
C LEU B 81 -2.00 8.18 -1.25
N PRO B 82 -1.23 8.78 -2.18
CA PRO B 82 -0.78 10.15 -2.03
C PRO B 82 -1.85 11.12 -2.47
N ALA B 83 -2.21 12.08 -1.62
CA ALA B 83 -3.24 13.08 -1.92
C ALA B 83 -2.80 14.05 -3.04
N GLU B 84 -1.48 14.24 -3.21
CA GLU B 84 -0.94 15.19 -4.21
C GLU B 84 -1.33 14.86 -5.65
N GLN B 85 -1.53 13.56 -5.92
CA GLN B 85 -1.94 13.05 -7.24
C GLN B 85 -3.47 12.89 -7.45
N LEU B 86 -4.33 13.33 -6.51
CA LEU B 86 -5.78 13.21 -6.70
C LEU B 86 -6.33 14.56 -7.08
N THR B 87 -7.38 14.58 -7.89
CA THR B 87 -8.17 15.76 -8.01
C THR B 87 -9.66 15.46 -7.74
N VAL B 88 -10.18 16.03 -6.66
CA VAL B 88 -11.56 15.92 -6.30
C VAL B 88 -12.46 16.63 -7.30
N ARG B 89 -13.43 15.88 -7.81
CA ARG B 89 -14.37 16.35 -8.79
C ARG B 89 -15.67 16.73 -8.12
N THR B 90 -16.19 15.88 -7.25
CA THR B 90 -17.46 16.15 -6.60
C THR B 90 -17.64 15.25 -5.38
N THR B 91 -18.70 15.50 -4.62
CA THR B 91 -19.03 14.69 -3.45
C THR B 91 -20.51 14.36 -3.52
N VAL B 92 -20.90 13.24 -2.94
CA VAL B 92 -22.28 12.74 -3.04
C VAL B 92 -22.62 11.92 -1.79
N VAL B 93 -23.73 12.23 -1.15
CA VAL B 93 -24.15 11.52 0.07
C VAL B 93 -24.70 10.21 -0.40
N THR B 94 -24.11 9.10 -0.03
CA THR B 94 -24.59 7.79 -0.45
C THR B 94 -25.20 6.93 0.69
N ALA B 95 -25.37 7.52 1.85
CA ALA B 95 -26.08 6.86 2.98
C ALA B 95 -26.44 7.94 4.00
N GLU B 96 -27.67 7.90 4.48
CA GLU B 96 -28.18 8.80 5.51
C GLU B 96 -28.94 7.91 6.47
N VAL B 97 -28.54 7.92 7.73
CA VAL B 97 -29.13 7.09 8.78
C VAL B 97 -29.62 7.96 9.97
N ALA B 98 -30.90 7.88 10.28
CA ALA B 98 -31.47 8.59 11.44
C ALA B 98 -30.99 7.89 12.68
N GLY B 99 -30.30 8.62 13.53
CA GLY B 99 -29.86 8.09 14.80
C GLY B 99 -30.86 8.29 15.91
N ILE B 100 -30.68 7.57 17.01
CA ILE B 100 -31.41 7.89 18.22
C ILE B 100 -30.81 9.20 18.73
N GLY B 101 -31.63 9.99 19.38
CA GLY B 101 -31.22 11.28 19.90
C GLY B 101 -31.01 12.27 18.76
N GLY B 102 -31.75 12.06 17.67
CA GLY B 102 -31.78 12.98 16.55
C GLY B 102 -30.47 13.27 15.84
N THR B 103 -29.39 12.54 16.14
CA THR B 103 -28.10 12.69 15.44
C THR B 103 -28.04 11.74 14.24
N GLN B 104 -27.88 12.32 13.06
CA GLN B 104 -28.00 11.64 11.79
C GLN B 104 -26.61 11.28 11.19
N TRP B 105 -26.42 10.01 10.83
CA TRP B 105 -25.17 9.51 10.29
C TRP B 105 -25.28 9.49 8.78
N THR B 106 -24.24 10.02 8.13
CA THR B 106 -24.15 10.05 6.68
C THR B 106 -22.83 9.48 6.16
N TYR B 107 -22.90 8.84 4.98
CA TYR B 107 -21.69 8.44 4.27
C TYR B 107 -21.61 9.34 3.05
N THR B 108 -20.47 10.01 2.85
CA THR B 108 -20.22 10.83 1.67
C THR B 108 -19.17 10.18 0.83
N THR B 109 -19.53 9.77 -0.37
CA THR B 109 -18.53 9.40 -1.34
C THR B 109 -17.93 10.63 -2.04
N VAL B 110 -16.60 10.68 -2.07
CA VAL B 110 -15.84 11.78 -2.70
C VAL B 110 -15.23 11.24 -3.98
N ILE B 111 -15.65 11.78 -5.11
CA ILE B 111 -15.21 11.32 -6.40
C ILE B 111 -13.97 12.12 -6.86
N ALA B 112 -12.89 11.43 -7.19
CA ALA B 112 -11.67 12.11 -7.62
C ALA B 112 -11.08 11.39 -8.78
N ASP B 113 -10.19 12.09 -9.49
CA ASP B 113 -9.55 11.57 -10.71
C ASP B 113 -8.07 11.61 -10.48
N ALA B 114 -7.36 10.57 -10.91
CA ALA B 114 -5.91 10.53 -10.78
C ALA B 114 -5.16 11.05 -12.03
N ALA B 115 -5.36 10.37 -13.18
CA ALA B 115 -4.62 10.64 -14.48
C ALA B 115 -3.37 9.76 -14.72
N GLU B 116 -2.65 9.40 -13.65
CA GLU B 116 -1.60 8.34 -13.60
C GLU B 116 -0.16 8.94 -13.73
N PRO B 117 0.90 8.17 -13.44
CA PRO B 117 0.87 6.84 -12.79
C PRO B 117 0.82 6.94 -11.24
N LEU B 118 0.26 5.92 -10.57
CA LEU B 118 -0.10 5.95 -9.12
C LEU B 118 0.87 5.22 -8.16
N HIS B 119 1.92 5.90 -7.77
CA HIS B 119 2.98 5.29 -7.00
C HIS B 119 2.79 5.55 -5.50
N THR B 120 2.24 4.53 -4.80
CA THR B 120 1.79 4.60 -3.40
C THR B 120 2.91 4.31 -2.42
N VAL B 121 2.86 4.99 -1.27
CA VAL B 121 3.94 4.99 -0.28
C VAL B 121 4.10 3.71 0.60
N PRO B 122 5.37 3.33 0.96
CA PRO B 122 5.57 2.19 1.87
C PRO B 122 5.21 2.47 3.32
N ALA B 127 -2.80 -2.63 3.19
CA ALA B 127 -4.11 -2.84 2.56
C ALA B 127 -4.03 -3.32 1.11
N GLU B 128 -4.97 -4.19 0.73
CA GLU B 128 -4.99 -4.80 -0.59
C GLU B 128 -5.97 -4.01 -1.48
N LEU B 129 -5.42 -3.41 -2.53
CA LEU B 129 -6.18 -2.63 -3.51
C LEU B 129 -6.27 -3.31 -4.85
N ARG B 130 -7.26 -2.89 -5.64
CA ARG B 130 -7.45 -3.34 -7.02
C ARG B 130 -8.16 -2.29 -7.87
N TRP B 131 -7.58 -1.99 -9.05
CA TRP B 131 -8.23 -1.18 -10.07
C TRP B 131 -9.28 -2.03 -10.77
N VAL B 132 -10.45 -1.48 -11.00
CA VAL B 132 -11.55 -2.28 -11.53
C VAL B 132 -12.27 -1.40 -12.51
N LEU B 133 -12.48 -1.85 -13.74
CA LEU B 133 -13.32 -1.15 -14.70
C LEU B 133 -14.69 -0.98 -14.06
N GLU B 134 -15.25 0.20 -14.27
CA GLU B 134 -16.50 0.55 -13.68
C GLU B 134 -17.62 -0.46 -13.94
N ASP B 135 -17.70 -0.91 -15.19
CA ASP B 135 -18.64 -1.92 -15.69
C ASP B 135 -18.53 -3.28 -15.04
N GLN B 136 -17.41 -3.55 -14.41
CA GLN B 136 -17.13 -4.82 -13.77
C GLN B 136 -17.12 -4.74 -12.24
N VAL B 137 -17.25 -3.56 -11.66
CA VAL B 137 -17.28 -3.44 -10.22
C VAL B 137 -18.44 -4.32 -9.67
N ALA B 138 -19.59 -4.24 -10.28
CA ALA B 138 -20.73 -5.00 -9.77
C ALA B 138 -20.51 -6.54 -9.82
N ASP B 139 -19.48 -7.01 -10.55
CA ASP B 139 -19.21 -8.47 -10.63
C ASP B 139 -18.59 -9.04 -9.38
N LEU B 140 -17.98 -8.18 -8.58
CA LEU B 140 -17.20 -8.54 -7.44
C LEU B 140 -18.11 -8.73 -6.24
N PRO B 141 -17.61 -9.42 -5.20
CA PRO B 141 -18.40 -9.43 -3.93
C PRO B 141 -18.17 -8.06 -3.24
N LEU B 142 -19.23 -7.28 -3.14
CA LEU B 142 -19.14 -5.93 -2.60
C LEU B 142 -19.71 -5.83 -1.21
N HIS B 143 -19.07 -5.00 -0.40
CA HIS B 143 -19.65 -4.57 0.84
C HIS B 143 -21.08 -4.09 0.59
N PRO B 144 -22.06 -4.65 1.36
CA PRO B 144 -23.49 -4.33 1.17
C PRO B 144 -23.81 -2.84 1.15
N GLY B 145 -23.21 -2.08 2.03
CA GLY B 145 -23.26 -0.60 1.96
C GLY B 145 -22.83 0.04 0.64
N PHE B 146 -21.64 -0.34 0.17
CA PHE B 146 -21.17 0.11 -1.15
C PHE B 146 -22.05 -0.44 -2.27
N ALA B 147 -22.45 -1.69 -2.13
CA ALA B 147 -23.31 -2.35 -3.13
C ALA B 147 -24.62 -1.63 -3.30
N ALA B 148 -25.21 -1.21 -2.18
CA ALA B 148 -26.49 -0.45 -2.21
C ALA B 148 -26.35 0.88 -2.95
N SER B 149 -25.21 1.55 -2.79
CA SER B 149 -24.99 2.88 -3.38
C SER B 149 -24.47 2.87 -4.83
N TRP B 150 -24.14 1.69 -5.34
CA TRP B 150 -23.24 1.62 -6.52
C TRP B 150 -23.96 2.06 -7.81
N GLN B 151 -25.23 1.70 -7.95
CA GLN B 151 -26.04 2.15 -9.09
C GLN B 151 -26.00 3.70 -9.23
N ARG B 152 -26.27 4.35 -8.11
CA ARG B 152 -26.26 5.80 -7.96
C ARG B 152 -24.89 6.41 -8.30
N LEU B 153 -23.84 5.83 -7.73
CA LEU B 153 -22.50 6.30 -7.99
C LEU B 153 -22.15 6.23 -9.47
N ARG B 154 -22.51 5.11 -10.08
CA ARG B 154 -22.34 4.96 -11.52
C ARG B 154 -23.06 6.00 -12.33
N GLU B 155 -24.28 6.32 -11.93
CA GLU B 155 -25.01 7.42 -12.58
C GLU B 155 -24.28 8.73 -12.41
N VAL B 156 -23.76 9.00 -11.22
CA VAL B 156 -22.99 10.20 -11.02
C VAL B 156 -21.65 10.22 -11.80
N THR B 157 -20.90 9.14 -11.85
CA THR B 157 -19.55 9.21 -12.46
C THR B 157 -19.67 9.36 -13.98
N ALA B 158 -20.80 8.84 -14.48
CA ALA B 158 -21.19 8.99 -15.89
C ALA B 158 -21.40 10.44 -16.31
N THR B 159 -21.79 11.30 -15.37
CA THR B 159 -21.94 12.71 -15.64
C THR B 159 -20.62 13.49 -15.58
N ILE B 160 -19.48 12.82 -15.39
CA ILE B 160 -18.21 13.49 -15.11
C ILE B 160 -17.10 12.96 -15.97
N PRO B 161 -16.71 13.74 -16.98
CA PRO B 161 -15.52 13.35 -17.78
C PRO B 161 -14.26 13.27 -16.96
N LEU B 162 -13.41 12.32 -17.26
CA LEU B 162 -12.07 12.23 -16.64
C LEU B 162 -11.20 13.40 -17.02
N LEU B 163 -10.51 13.90 -16.02
CA LEU B 163 -9.93 15.24 -16.04
C LEU B 163 -8.92 15.39 -17.17
N ASN B 164 -8.04 14.40 -17.36
CA ASN B 164 -7.08 14.43 -18.46
C ASN B 164 -7.74 14.54 -19.85
N ARG B 165 -8.92 13.93 -20.00
CA ARG B 165 -9.64 13.94 -21.28
C ARG B 165 -10.32 15.28 -21.52
#